data_4KCX
#
_entry.id   4KCX
#
_cell.length_a   64.720
_cell.length_b   29.950
_cell.length_c   71.380
_cell.angle_alpha   90.00
_cell.angle_beta   94.12
_cell.angle_gamma   90.00
#
_symmetry.space_group_name_H-M   'P 1 21 1'
#
loop_
_entity.id
_entity.type
_entity.pdbx_description
1 polymer 'Bromodomain testis-specific protein'
2 non-polymer 3-[({3-ethyl-5-[(2S)-2-(2-hydroxyethyl)piperidin-1-yl]pyrazolo[1,5-a]pyrimidin-7-yl}amino)methyl]-1-hydroxypyridinium
3 non-polymer 'CHLORIDE ION'
4 water water
#
_entity_poly.entity_id   1
_entity_poly.type   'polypeptide(L)'
_entity_poly.pdbx_seq_one_letter_code
;NTKKNGRLTNQLQYLQKVVLKDLWKHSFSWPFQRPVDAVKLQLPDYYTIIKNPMDLNTIKKRLENKYYAKASECIEDFNT
MFSNCYLYNKPGDDIVLMAQALEKLFMQKLSQMPQEE
;
_entity_poly.pdbx_strand_id   A,B
#
loop_
_chem_comp.id
_chem_comp.type
_chem_comp.name
_chem_comp.formula
1QK non-polymer 3-[({3-ethyl-5-[(2S)-2-(2-hydroxyethyl)piperidin-1-yl]pyrazolo[1,5-a]pyrimidin-7-yl}amino)methyl]-1-hydroxypyridinium 'C21 H29 N6 O2 1'
CL non-polymer 'CHLORIDE ION' 'Cl -1'
#
# COMPACT_ATOMS: atom_id res chain seq x y z
N THR A 9 -5.11 -19.60 -13.40
CA THR A 9 -4.07 -18.74 -13.94
C THR A 9 -4.71 -17.44 -14.43
N ASN A 10 -6.04 -17.40 -14.44
CA ASN A 10 -6.83 -16.28 -14.98
C ASN A 10 -6.43 -14.88 -14.48
N GLN A 11 -6.52 -14.69 -13.17
CA GLN A 11 -6.17 -13.39 -12.58
C GLN A 11 -4.66 -13.20 -12.62
N LEU A 12 -3.93 -14.31 -12.51
CA LEU A 12 -2.48 -14.27 -12.56
C LEU A 12 -1.98 -13.97 -13.98
N GLN A 13 -2.80 -14.28 -14.97
CA GLN A 13 -2.47 -13.96 -16.36
C GLN A 13 -2.59 -12.45 -16.58
N TYR A 14 -3.59 -11.85 -15.92
CA TYR A 14 -3.82 -10.41 -15.99
C TYR A 14 -2.66 -9.66 -15.33
N LEU A 15 -2.21 -10.15 -14.19
CA LEU A 15 -1.12 -9.51 -13.46
C LEU A 15 0.17 -9.49 -14.28
N GLN A 16 0.39 -10.57 -15.04
CA GLN A 16 1.59 -10.69 -15.86
C GLN A 16 1.47 -9.91 -17.18
N LYS A 17 0.38 -10.14 -17.89
CA LYS A 17 0.19 -9.60 -19.24
C LYS A 17 -0.25 -8.14 -19.24
N VAL A 18 -0.99 -7.73 -18.21
CA VAL A 18 -1.52 -6.37 -18.17
C VAL A 18 -0.80 -5.51 -17.13
N VAL A 19 -0.85 -5.94 -15.87
CA VAL A 19 -0.34 -5.12 -14.78
C VAL A 19 1.18 -4.95 -14.79
N LEU A 20 1.92 -6.05 -14.81
CA LEU A 20 3.38 -5.99 -14.81
C LEU A 20 3.93 -5.24 -16.04
N LYS A 21 3.44 -5.60 -17.21
CA LYS A 21 3.91 -4.97 -18.44
C LYS A 21 3.67 -3.46 -18.46
N ASP A 22 2.47 -3.03 -18.07
CA ASP A 22 2.14 -1.61 -18.07
C ASP A 22 3.01 -0.83 -17.08
N LEU A 23 3.29 -1.43 -15.92
CA LEU A 23 4.15 -0.76 -14.95
C LEU A 23 5.60 -0.71 -15.42
N TRP A 24 6.09 -1.83 -15.96
CA TRP A 24 7.44 -1.94 -16.49
C TRP A 24 7.80 -0.84 -17.50
N LYS A 25 6.82 -0.42 -18.29
CA LYS A 25 7.09 0.53 -19.37
C LYS A 25 7.43 1.94 -18.88
N HIS A 26 7.04 2.27 -17.65
CA HIS A 26 7.27 3.62 -17.13
C HIS A 26 8.68 3.71 -16.58
N SER A 27 9.33 4.84 -16.86
CA SER A 27 10.67 5.07 -16.34
C SER A 27 10.70 5.08 -14.82
N PHE A 28 9.59 5.45 -14.16
CA PHE A 28 9.60 5.41 -12.71
C PHE A 28 9.61 4.00 -12.10
N SER A 29 9.54 2.98 -12.93
CA SER A 29 9.66 1.61 -12.48
C SER A 29 11.11 1.12 -12.57
N TRP A 30 11.96 1.88 -13.28
CA TRP A 30 13.35 1.46 -13.48
C TRP A 30 14.07 1.11 -12.18
N PRO A 31 13.90 1.93 -11.12
CA PRO A 31 14.59 1.56 -9.87
C PRO A 31 14.10 0.26 -9.27
N PHE A 32 12.93 -0.24 -9.68
CA PHE A 32 12.31 -1.39 -9.02
C PHE A 32 12.38 -2.65 -9.89
N GLN A 33 13.15 -2.59 -10.99
CA GLN A 33 13.21 -3.71 -11.94
C GLN A 33 14.31 -4.71 -11.62
N ARG A 34 15.08 -4.44 -10.55
CA ARG A 34 16.14 -5.32 -10.08
C ARG A 34 16.20 -5.15 -8.58
N PRO A 35 16.65 -6.20 -7.87
CA PRO A 35 16.89 -6.11 -6.43
C PRO A 35 17.79 -4.92 -6.10
N VAL A 36 17.51 -4.27 -4.99
CA VAL A 36 18.32 -3.13 -4.56
C VAL A 36 19.79 -3.57 -4.42
N ASP A 37 20.68 -2.90 -5.14
CA ASP A 37 22.11 -3.13 -4.96
C ASP A 37 22.59 -2.09 -3.96
N ALA A 38 22.81 -2.53 -2.72
CA ALA A 38 23.06 -1.59 -1.61
C ALA A 38 24.42 -0.90 -1.69
N VAL A 39 25.40 -1.58 -2.28
CA VAL A 39 26.74 -1.07 -2.41
C VAL A 39 26.86 -0.02 -3.55
N LYS A 40 26.39 -0.38 -4.73
CA LYS A 40 26.53 0.52 -5.90
C LYS A 40 25.74 1.80 -5.68
N LEU A 41 24.61 1.67 -5.01
CA LEU A 41 23.72 2.81 -4.76
C LEU A 41 23.92 3.41 -3.37
N GLN A 42 24.95 2.92 -2.70
CA GLN A 42 25.39 3.49 -1.43
C GLN A 42 24.23 3.59 -0.42
N LEU A 43 23.51 2.47 -0.24
CA LEU A 43 22.51 2.32 0.84
C LEU A 43 22.95 1.22 1.82
N PRO A 44 23.98 1.52 2.65
CA PRO A 44 24.72 0.53 3.46
C PRO A 44 23.88 -0.34 4.39
N ASP A 45 22.76 0.17 4.88
CA ASP A 45 21.97 -0.55 5.86
C ASP A 45 20.67 -1.03 5.23
N TYR A 46 20.58 -1.01 3.91
CA TYR A 46 19.31 -1.40 3.27
C TYR A 46 18.85 -2.78 3.72
N TYR A 47 19.75 -3.77 3.65
CA TYR A 47 19.39 -5.14 3.98
C TYR A 47 19.33 -5.41 5.49
N THR A 48 19.98 -4.57 6.29
CA THR A 48 19.78 -4.59 7.74
C THR A 48 18.36 -4.14 8.11
N ILE A 49 17.85 -3.12 7.44
CA ILE A 49 16.57 -2.52 7.79
C ILE A 49 15.40 -3.26 7.16
N ILE A 50 15.53 -3.60 5.88
CA ILE A 50 14.46 -4.25 5.12
C ILE A 50 14.66 -5.77 5.20
N LYS A 51 13.69 -6.46 5.79
CA LYS A 51 13.79 -7.88 6.05
C LYS A 51 13.22 -8.70 4.92
N ASN A 52 12.21 -8.15 4.25
CA ASN A 52 11.62 -8.83 3.12
C ASN A 52 11.67 -8.08 1.77
N PRO A 53 12.87 -7.97 1.18
CA PRO A 53 13.07 -7.27 -0.11
C PRO A 53 12.20 -7.79 -1.22
N MET A 54 11.79 -6.92 -2.13
CA MET A 54 10.99 -7.36 -3.26
C MET A 54 11.21 -6.40 -4.42
N ASP A 55 11.11 -6.93 -5.64
CA ASP A 55 11.27 -6.12 -6.84
C ASP A 55 10.49 -6.72 -7.99
N LEU A 56 10.29 -5.93 -9.03
CA LEU A 56 9.55 -6.34 -10.21
C LEU A 56 10.14 -7.59 -10.86
N ASN A 57 11.47 -7.73 -10.82
CA ASN A 57 12.09 -8.80 -11.60
C ASN A 57 11.79 -10.13 -10.92
N THR A 58 11.81 -10.10 -9.59
CA THR A 58 11.49 -11.27 -8.77
C THR A 58 10.04 -11.69 -9.01
N ILE A 59 9.14 -10.70 -9.03
CA ILE A 59 7.74 -10.91 -9.35
C ILE A 59 7.58 -11.51 -10.75
N LYS A 60 8.39 -11.03 -11.68
CA LYS A 60 8.29 -11.48 -13.06
C LYS A 60 8.71 -12.94 -13.16
N LYS A 61 9.79 -13.28 -12.47
CA LYS A 61 10.27 -14.67 -12.47
C LYS A 61 9.22 -15.57 -11.88
N ARG A 62 8.54 -15.08 -10.86
CA ARG A 62 7.61 -15.92 -10.13
C ARG A 62 6.40 -16.24 -10.98
N LEU A 63 5.98 -15.27 -11.78
CA LEU A 63 4.90 -15.49 -12.74
C LEU A 63 5.32 -16.47 -13.83
N GLU A 64 6.50 -16.25 -14.42
CA GLU A 64 7.05 -17.13 -15.44
C GLU A 64 7.16 -18.57 -14.95
N ASN A 65 7.73 -18.75 -13.76
CA ASN A 65 7.98 -20.07 -13.19
C ASN A 65 6.77 -20.69 -12.49
N LYS A 66 5.61 -20.06 -12.64
CA LYS A 66 4.37 -20.57 -12.04
C LYS A 66 4.49 -20.69 -10.53
N TYR A 67 5.17 -19.74 -9.91
CA TYR A 67 5.43 -19.80 -8.46
C TYR A 67 4.19 -19.55 -7.62
N TYR A 68 3.36 -18.60 -8.03
CA TYR A 68 2.16 -18.25 -7.28
C TYR A 68 1.06 -19.26 -7.54
N ALA A 69 0.34 -19.64 -6.49
CA ALA A 69 -0.79 -20.54 -6.63
C ALA A 69 -2.05 -19.71 -6.85
N LYS A 70 -1.94 -18.43 -6.56
CA LYS A 70 -3.12 -17.59 -6.38
C LYS A 70 -2.81 -16.09 -6.49
N ALA A 71 -3.76 -15.34 -7.03
CA ALA A 71 -3.58 -13.90 -7.29
C ALA A 71 -3.14 -13.13 -6.06
N SER A 72 -3.71 -13.47 -4.89
CA SER A 72 -3.41 -12.76 -3.65
C SER A 72 -1.93 -12.80 -3.28
N GLU A 73 -1.25 -13.87 -3.62
CA GLU A 73 0.16 -14.05 -3.28
C GLU A 73 1.05 -13.08 -4.06
N CYS A 74 0.69 -12.84 -5.32
CA CYS A 74 1.45 -11.95 -6.18
C CYS A 74 1.17 -10.49 -5.83
N ILE A 75 -0.10 -10.19 -5.56
CA ILE A 75 -0.51 -8.88 -5.09
C ILE A 75 0.19 -8.55 -3.78
N GLU A 76 0.39 -9.56 -2.94
CA GLU A 76 1.12 -9.40 -1.70
C GLU A 76 2.56 -8.94 -1.96
N ASP A 77 3.18 -9.47 -3.02
CA ASP A 77 4.54 -9.08 -3.35
C ASP A 77 4.63 -7.64 -3.79
N PHE A 78 3.72 -7.22 -4.67
CA PHE A 78 3.64 -5.81 -5.06
C PHE A 78 3.52 -4.89 -3.86
N ASN A 79 2.62 -5.23 -2.94
CA ASN A 79 2.42 -4.40 -1.75
C ASN A 79 3.68 -4.29 -0.91
N THR A 80 4.43 -5.39 -0.83
CA THR A 80 5.66 -5.43 -0.06
C THR A 80 6.72 -4.53 -0.69
N MET A 81 6.82 -4.57 -2.01
CA MET A 81 7.77 -3.72 -2.72
C MET A 81 7.43 -2.25 -2.44
N PHE A 82 6.15 -1.91 -2.41
CA PHE A 82 5.78 -0.51 -2.14
C PHE A 82 6.06 -0.11 -0.70
N SER A 83 5.49 -0.86 0.25
CA SER A 83 5.72 -0.53 1.65
C SER A 83 7.21 -0.53 2.02
N ASN A 84 8.01 -1.41 1.40
CA ASN A 84 9.45 -1.45 1.64
C ASN A 84 10.13 -0.09 1.38
N CYS A 85 9.79 0.52 0.25
CA CYS A 85 10.29 1.84 -0.12
C CYS A 85 9.83 2.90 0.89
N TYR A 86 8.56 2.88 1.20
CA TYR A 86 8.04 3.81 2.20
C TYR A 86 8.73 3.67 3.55
N LEU A 87 8.92 2.42 4.01
CA LEU A 87 9.54 2.17 5.31
C LEU A 87 10.97 2.66 5.32
N TYR A 88 11.69 2.40 4.22
CA TYR A 88 13.13 2.62 4.22
C TYR A 88 13.41 4.10 4.05
N ASN A 89 12.60 4.74 3.24
CA ASN A 89 12.75 6.16 2.97
C ASN A 89 11.84 7.07 3.81
N LYS A 90 11.54 8.27 3.32
CA LYS A 90 10.70 9.25 4.02
C LYS A 90 10.01 10.19 3.01
N PRO A 91 8.96 10.94 3.44
CA PRO A 91 8.24 11.83 2.52
C PRO A 91 9.17 12.78 1.82
N GLY A 92 8.89 13.00 0.54
CA GLY A 92 9.65 13.99 -0.22
C GLY A 92 10.82 13.38 -0.99
N ASP A 93 11.22 12.18 -0.63
CA ASP A 93 12.30 11.50 -1.39
C ASP A 93 11.85 11.19 -2.81
N ASP A 94 12.74 11.40 -3.78
CA ASP A 94 12.48 11.03 -5.18
C ASP A 94 11.97 9.61 -5.36
N ILE A 95 12.65 8.66 -4.71
CA ILE A 95 12.25 7.26 -4.86
C ILE A 95 10.82 7.06 -4.35
N VAL A 96 10.43 7.88 -3.38
CA VAL A 96 9.12 7.73 -2.77
C VAL A 96 8.08 8.25 -3.75
N LEU A 97 8.39 9.36 -4.39
CA LEU A 97 7.42 9.91 -5.36
C LEU A 97 7.23 8.88 -6.45
N MET A 98 8.33 8.22 -6.80
CA MET A 98 8.26 7.18 -7.81
C MET A 98 7.39 6.02 -7.37
N ALA A 99 7.61 5.54 -6.16
CA ALA A 99 6.84 4.41 -5.64
C ALA A 99 5.35 4.76 -5.65
N GLN A 100 5.04 6.00 -5.29
CA GLN A 100 3.65 6.45 -5.22
C GLN A 100 2.93 6.42 -6.57
N ALA A 101 3.62 6.87 -7.61
CA ALA A 101 3.05 6.83 -8.96
C ALA A 101 2.87 5.38 -9.44
N LEU A 102 3.85 4.54 -9.18
CA LEU A 102 3.78 3.10 -9.44
C LEU A 102 2.59 2.45 -8.73
N GLU A 103 2.45 2.75 -7.44
CA GLU A 103 1.39 2.17 -6.62
C GLU A 103 0.03 2.63 -7.13
N LYS A 104 -0.07 3.90 -7.48
CA LYS A 104 -1.33 4.42 -7.96
C LYS A 104 -1.73 3.74 -9.27
N LEU A 105 -0.77 3.57 -10.16
CA LEU A 105 -1.02 2.93 -11.44
C LEU A 105 -1.39 1.46 -11.20
N PHE A 106 -0.69 0.85 -10.26
CA PHE A 106 -0.98 -0.51 -9.84
C PHE A 106 -2.44 -0.66 -9.40
N MET A 107 -2.91 0.25 -8.56
CA MET A 107 -4.27 0.14 -8.02
C MET A 107 -5.33 0.26 -9.11
N GLN A 108 -5.11 1.15 -10.08
CA GLN A 108 -6.05 1.35 -11.18
C GLN A 108 -6.19 0.08 -12.01
N LYS A 109 -5.04 -0.54 -12.29
CA LYS A 109 -5.00 -1.76 -13.07
C LYS A 109 -5.76 -2.86 -12.33
N LEU A 110 -5.51 -2.95 -11.04
CA LEU A 110 -6.13 -3.96 -10.19
C LEU A 110 -7.65 -3.86 -10.26
N SER A 111 -8.16 -2.64 -10.34
CA SER A 111 -9.60 -2.43 -10.32
C SER A 111 -10.26 -2.98 -11.58
N GLN A 112 -9.44 -3.23 -12.60
CA GLN A 112 -9.91 -3.76 -13.87
C GLN A 112 -9.56 -5.24 -14.05
N MET A 113 -9.38 -5.95 -12.95
CA MET A 113 -9.08 -7.38 -13.01
C MET A 113 -10.37 -8.19 -12.99
N PRO A 114 -10.43 -9.27 -13.79
CA PRO A 114 -11.59 -10.17 -13.78
C PRO A 114 -11.75 -10.89 -12.44
N THR B 9 -23.44 3.98 -6.14
CA THR B 9 -22.92 3.90 -4.79
C THR B 9 -22.89 2.45 -4.29
N ASN B 10 -22.79 1.50 -5.22
CA ASN B 10 -22.77 0.08 -4.86
C ASN B 10 -21.42 -0.39 -4.28
N GLN B 11 -20.34 -0.08 -4.99
CA GLN B 11 -19.00 -0.40 -4.49
C GLN B 11 -18.70 0.44 -3.25
N LEU B 12 -19.18 1.67 -3.27
CA LEU B 12 -19.05 2.56 -2.12
C LEU B 12 -19.80 2.03 -0.89
N GLN B 13 -20.95 1.40 -1.12
CA GLN B 13 -21.71 0.78 -0.05
C GLN B 13 -20.96 -0.42 0.52
N TYR B 14 -20.22 -1.10 -0.35
CA TYR B 14 -19.39 -2.23 0.08
C TYR B 14 -18.27 -1.71 0.97
N LEU B 15 -17.58 -0.68 0.48
CA LEU B 15 -16.49 -0.06 1.23
C LEU B 15 -16.96 0.38 2.62
N GLN B 16 -18.19 0.88 2.70
CA GLN B 16 -18.74 1.35 3.96
C GLN B 16 -19.28 0.24 4.86
N LYS B 17 -20.13 -0.63 4.31
CA LYS B 17 -20.82 -1.66 5.10
C LYS B 17 -19.97 -2.89 5.38
N VAL B 18 -18.98 -3.15 4.52
CA VAL B 18 -18.18 -4.36 4.65
C VAL B 18 -16.75 -4.08 5.08
N VAL B 19 -16.00 -3.40 4.22
CA VAL B 19 -14.59 -3.13 4.43
C VAL B 19 -14.31 -2.36 5.72
N LEU B 20 -14.93 -1.19 5.85
CA LEU B 20 -14.66 -0.32 6.98
C LEU B 20 -15.10 -0.93 8.30
N LYS B 21 -16.32 -1.45 8.34
CA LYS B 21 -16.85 -2.05 9.57
C LYS B 21 -15.97 -3.20 10.02
N ASP B 22 -15.58 -4.06 9.07
CA ASP B 22 -14.70 -5.18 9.39
C ASP B 22 -13.36 -4.71 9.95
N LEU B 23 -12.75 -3.72 9.32
CA LEU B 23 -11.47 -3.24 9.83
C LEU B 23 -11.65 -2.62 11.21
N TRP B 24 -12.72 -1.87 11.38
CA TRP B 24 -13.03 -1.15 12.62
C TRP B 24 -13.09 -2.07 13.84
N LYS B 25 -13.63 -3.27 13.66
CA LYS B 25 -13.85 -4.16 14.79
C LYS B 25 -12.55 -4.69 15.41
N HIS B 26 -11.46 -4.64 14.65
CA HIS B 26 -10.17 -5.11 15.15
C HIS B 26 -9.47 -4.03 15.95
N SER B 27 -8.92 -4.43 17.08
CA SER B 27 -8.18 -3.54 17.96
C SER B 27 -6.93 -2.93 17.29
N PHE B 28 -6.38 -3.59 16.26
CA PHE B 28 -5.27 -2.98 15.56
C PHE B 28 -5.65 -1.77 14.71
N SER B 29 -6.94 -1.47 14.63
CA SER B 29 -7.39 -0.27 13.94
C SER B 29 -7.55 0.91 14.89
N TRP B 30 -7.58 0.64 16.20
CA TRP B 30 -7.80 1.69 17.20
C TRP B 30 -6.91 2.94 17.07
N PRO B 31 -5.59 2.77 16.82
CA PRO B 31 -4.74 3.96 16.65
C PRO B 31 -5.08 4.76 15.39
N PHE B 32 -5.83 4.12 14.48
CA PHE B 32 -6.17 4.75 13.19
C PHE B 32 -7.61 5.28 13.13
N GLN B 33 -8.34 5.20 14.24
CA GLN B 33 -9.76 5.60 14.24
C GLN B 33 -9.98 7.11 14.45
N ARG B 34 -8.90 7.86 14.61
CA ARG B 34 -8.97 9.31 14.83
C ARG B 34 -7.68 9.87 14.29
N PRO B 35 -7.71 11.12 13.82
CA PRO B 35 -6.49 11.77 13.35
C PRO B 35 -5.43 11.69 14.41
N VAL B 36 -4.17 11.61 14.00
CA VAL B 36 -3.05 11.55 14.94
C VAL B 36 -3.01 12.77 15.87
N ASP B 37 -3.07 12.55 17.18
CA ASP B 37 -2.83 13.64 18.13
C ASP B 37 -1.34 13.70 18.43
N ALA B 38 -0.66 14.62 17.77
CA ALA B 38 0.81 14.66 17.81
C ALA B 38 1.32 15.02 19.19
N VAL B 39 0.55 15.83 19.91
CA VAL B 39 0.93 16.26 21.23
C VAL B 39 0.72 15.12 22.23
N LYS B 40 -0.49 14.57 22.27
CA LYS B 40 -0.84 13.57 23.29
C LYS B 40 0.01 12.32 23.15
N LEU B 41 0.37 11.99 21.91
CA LEU B 41 1.17 10.81 21.64
C LEU B 41 2.65 11.11 21.49
N GLN B 42 3.03 12.35 21.78
CA GLN B 42 4.42 12.78 21.70
C GLN B 42 5.11 12.45 20.37
N LEU B 43 4.49 12.88 19.26
CA LEU B 43 5.08 12.74 17.92
C LEU B 43 5.24 14.14 17.35
N PRO B 44 6.21 14.91 17.87
CA PRO B 44 6.31 16.37 17.70
C PRO B 44 6.41 16.84 16.26
N ASP B 45 7.05 16.05 15.40
CA ASP B 45 7.20 16.46 14.01
C ASP B 45 6.22 15.76 13.08
N TYR B 46 5.21 15.08 13.63
CA TYR B 46 4.26 14.35 12.78
C TYR B 46 3.71 15.19 11.63
N TYR B 47 3.13 16.33 11.96
CA TYR B 47 2.53 17.16 10.92
C TYR B 47 3.55 17.96 10.12
N THR B 48 4.79 18.01 10.59
CA THR B 48 5.87 18.56 9.77
C THR B 48 6.25 17.59 8.64
N ILE B 49 6.21 16.29 8.93
CA ILE B 49 6.66 15.24 8.01
C ILE B 49 5.57 14.69 7.07
N ILE B 50 4.40 14.41 7.63
CA ILE B 50 3.24 13.93 6.87
C ILE B 50 2.43 15.13 6.35
N LYS B 51 2.25 15.21 5.05
CA LYS B 51 1.55 16.35 4.46
C LYS B 51 0.09 16.06 4.17
N ASN B 52 -0.23 14.78 3.91
CA ASN B 52 -1.62 14.40 3.71
C ASN B 52 -2.14 13.40 4.73
N PRO B 53 -2.44 13.87 5.96
CA PRO B 53 -2.90 13.01 7.05
C PRO B 53 -4.16 12.25 6.65
N MET B 54 -4.36 11.03 7.15
CA MET B 54 -5.62 10.35 6.92
C MET B 54 -5.92 9.36 8.01
N ASP B 55 -7.21 9.23 8.35
CA ASP B 55 -7.65 8.26 9.35
C ASP B 55 -9.00 7.66 8.95
N LEU B 56 -9.33 6.53 9.56
CA LEU B 56 -10.62 5.85 9.36
C LEU B 56 -11.85 6.74 9.62
N ASN B 57 -11.77 7.59 10.64
CA ASN B 57 -12.93 8.39 11.00
C ASN B 57 -13.23 9.40 9.91
N THR B 58 -12.17 9.99 9.37
CA THR B 58 -12.29 10.91 8.23
C THR B 58 -12.90 10.19 7.03
N ILE B 59 -12.42 8.98 6.79
CA ILE B 59 -12.96 8.13 5.73
C ILE B 59 -14.44 7.83 5.97
N LYS B 60 -14.80 7.56 7.22
CA LYS B 60 -16.18 7.23 7.57
C LYS B 60 -17.12 8.41 7.34
N LYS B 61 -16.70 9.60 7.78
CA LYS B 61 -17.47 10.81 7.53
C LYS B 61 -17.66 11.05 6.05
N ARG B 62 -16.60 10.82 5.27
CA ARG B 62 -16.65 11.08 3.83
C ARG B 62 -17.63 10.15 3.15
N LEU B 63 -17.72 8.92 3.65
CA LEU B 63 -18.71 7.97 3.16
C LEU B 63 -20.12 8.39 3.58
N GLU B 64 -20.27 8.77 4.83
CA GLU B 64 -21.56 9.23 5.37
C GLU B 64 -22.08 10.47 4.63
N ASN B 65 -21.20 11.42 4.38
CA ASN B 65 -21.58 12.69 3.76
C ASN B 65 -21.55 12.69 2.23
N LYS B 66 -21.44 11.51 1.63
CA LYS B 66 -21.37 11.38 0.18
C LYS B 66 -20.26 12.23 -0.43
N TYR B 67 -19.11 12.25 0.24
CA TYR B 67 -17.98 13.03 -0.23
C TYR B 67 -17.39 12.43 -1.49
N TYR B 68 -17.29 11.10 -1.52
CA TYR B 68 -16.66 10.39 -2.63
C TYR B 68 -17.59 10.30 -3.84
N ALA B 69 -17.01 10.40 -5.04
CA ALA B 69 -17.78 10.27 -6.27
C ALA B 69 -17.67 8.85 -6.80
N LYS B 70 -16.48 8.28 -6.65
CA LYS B 70 -16.18 6.93 -7.13
C LYS B 70 -15.37 6.18 -6.08
N ALA B 71 -15.43 4.85 -6.16
CA ALA B 71 -14.78 4.00 -5.16
C ALA B 71 -13.26 4.17 -5.13
N SER B 72 -12.65 4.57 -6.25
CA SER B 72 -11.22 4.77 -6.29
C SER B 72 -10.75 5.91 -5.36
N GLU B 73 -11.58 6.91 -5.19
CA GLU B 73 -11.25 8.04 -4.32
C GLU B 73 -11.15 7.58 -2.87
N CYS B 74 -12.02 6.65 -2.48
CA CYS B 74 -12.03 6.11 -1.14
C CYS B 74 -10.82 5.20 -0.92
N ILE B 75 -10.53 4.39 -1.93
CA ILE B 75 -9.39 3.47 -1.90
C ILE B 75 -8.05 4.22 -1.82
N GLU B 76 -7.99 5.39 -2.47
CA GLU B 76 -6.83 6.27 -2.34
C GLU B 76 -6.61 6.67 -0.88
N ASP B 77 -7.70 6.99 -0.20
CA ASP B 77 -7.62 7.44 1.19
C ASP B 77 -7.07 6.35 2.08
N PHE B 78 -7.59 5.14 1.93
CA PHE B 78 -7.05 3.99 2.68
C PHE B 78 -5.58 3.82 2.40
N ASN B 79 -5.21 3.87 1.13
CA ASN B 79 -3.82 3.72 0.73
C ASN B 79 -2.92 4.78 1.38
N THR B 80 -3.42 6.02 1.42
CA THR B 80 -2.69 7.12 2.01
C THR B 80 -2.51 6.91 3.53
N MET B 81 -3.54 6.42 4.19
CA MET B 81 -3.42 6.11 5.61
C MET B 81 -2.29 5.10 5.86
N PHE B 82 -2.26 4.01 5.09
CA PHE B 82 -1.23 3.01 5.32
C PHE B 82 0.16 3.56 5.00
N SER B 83 0.30 4.20 3.84
CA SER B 83 1.63 4.62 3.42
C SER B 83 2.20 5.68 4.35
N ASN B 84 1.31 6.56 4.85
CA ASN B 84 1.63 7.59 5.85
C ASN B 84 2.35 6.99 7.04
N CYS B 85 1.74 5.95 7.60
CA CYS B 85 2.37 5.17 8.68
C CYS B 85 3.76 4.62 8.30
N TYR B 86 3.84 3.93 7.16
CA TYR B 86 5.15 3.43 6.68
C TYR B 86 6.21 4.52 6.51
N LEU B 87 5.80 5.69 5.99
CA LEU B 87 6.70 6.80 5.74
C LEU B 87 7.23 7.36 7.05
N TYR B 88 6.32 7.56 8.00
CA TYR B 88 6.67 8.24 9.23
C TYR B 88 7.49 7.34 10.13
N ASN B 89 7.18 6.05 10.10
CA ASN B 89 7.81 5.11 11.01
C ASN B 89 8.94 4.31 10.36
N LYS B 90 9.32 3.18 10.95
CA LYS B 90 10.38 2.30 10.41
C LYS B 90 10.01 0.84 10.64
N PRO B 91 10.72 -0.11 9.97
CA PRO B 91 10.41 -1.53 10.15
C PRO B 91 10.54 -1.96 11.59
N GLY B 92 9.62 -2.81 12.05
CA GLY B 92 9.68 -3.31 13.41
C GLY B 92 8.85 -2.53 14.43
N ASP B 93 8.49 -1.30 14.10
CA ASP B 93 7.63 -0.50 15.00
C ASP B 93 6.30 -1.20 15.19
N ASP B 94 5.78 -1.16 16.42
CA ASP B 94 4.47 -1.73 16.69
C ASP B 94 3.40 -1.20 15.75
N ILE B 95 3.39 0.13 15.57
CA ILE B 95 2.34 0.73 14.75
C ILE B 95 2.43 0.22 13.32
N VAL B 96 3.65 -0.07 12.87
CA VAL B 96 3.84 -0.56 11.51
C VAL B 96 3.28 -1.96 11.41
N LEU B 97 3.46 -2.76 12.46
CA LEU B 97 2.95 -4.11 12.37
C LEU B 97 1.43 -4.03 12.32
N MET B 98 0.86 -3.12 13.10
CA MET B 98 -0.58 -2.95 13.10
C MET B 98 -1.08 -2.48 11.74
N ALA B 99 -0.39 -1.51 11.16
CA ALA B 99 -0.71 -1.03 9.82
C ALA B 99 -0.67 -2.19 8.81
N GLN B 100 0.33 -3.05 8.92
CA GLN B 100 0.47 -4.15 7.98
C GLN B 100 -0.71 -5.13 8.05
N ALA B 101 -1.14 -5.47 9.26
CA ALA B 101 -2.29 -6.35 9.43
C ALA B 101 -3.59 -5.72 8.89
N LEU B 102 -3.84 -4.46 9.20
CA LEU B 102 -5.01 -3.74 8.64
C LEU B 102 -5.00 -3.79 7.12
N GLU B 103 -3.84 -3.50 6.53
CA GLU B 103 -3.70 -3.41 5.09
C GLU B 103 -3.97 -4.76 4.43
N LYS B 104 -3.46 -5.82 5.06
CA LYS B 104 -3.65 -7.15 4.51
C LYS B 104 -5.13 -7.43 4.47
N LEU B 105 -5.80 -7.18 5.60
CA LEU B 105 -7.25 -7.40 5.73
C LEU B 105 -7.99 -6.57 4.69
N PHE B 106 -7.60 -5.32 4.57
CA PHE B 106 -8.15 -4.41 3.56
C PHE B 106 -8.08 -5.01 2.15
N MET B 107 -6.88 -5.37 1.71
CA MET B 107 -6.70 -5.96 0.38
C MET B 107 -7.55 -7.21 0.20
N GLN B 108 -7.72 -8.01 1.25
CA GLN B 108 -8.52 -9.22 1.15
CA GLN B 108 -8.53 -9.22 1.16
C GLN B 108 -10.00 -8.89 0.94
N LYS B 109 -10.48 -7.84 1.60
CA LYS B 109 -11.87 -7.41 1.47
C LYS B 109 -12.12 -6.84 0.09
N LEU B 110 -11.13 -6.12 -0.42
CA LEU B 110 -11.24 -5.43 -1.69
C LEU B 110 -11.41 -6.42 -2.84
N SER B 111 -10.73 -7.56 -2.72
CA SER B 111 -10.73 -8.56 -3.79
C SER B 111 -12.10 -9.21 -3.93
N GLN B 112 -12.99 -8.95 -2.98
CA GLN B 112 -14.33 -9.50 -2.99
C GLN B 112 -15.37 -8.49 -3.49
N MET B 113 -14.93 -7.25 -3.68
CA MET B 113 -15.81 -6.17 -4.13
C MET B 113 -16.42 -6.48 -5.50
N PRO B 114 -17.71 -6.14 -5.67
CA PRO B 114 -18.47 -6.31 -6.92
C PRO B 114 -17.68 -5.89 -8.17
C10 1QK C . 17.56 4.10 -7.06
N12 1QK C . 18.12 1.81 -6.12
C13 1QK C . 17.73 2.24 -4.80
C15 1QK C . 15.46 1.30 -5.56
C17 1QK C . 13.57 1.07 -3.88
C22 1QK C . 16.56 6.89 -6.85
C24 1QK C . 15.51 8.81 -8.15
C26 1QK C . 17.14 7.37 -9.20
C28 1QK C . 19.69 7.19 -9.68
C01 1QK C . 17.29 2.84 -12.97
C02 1QK C . 18.64 2.91 -12.27
C03 1QK C . 18.62 2.36 -10.83
C04 1QK C . 18.93 1.07 -10.44
N05 1QK C . 18.76 0.98 -9.05
N06 1QK C . 18.34 2.25 -8.60
C07 1QK C . 18.23 3.08 -9.68
N08 1QK C . 17.81 4.48 -9.51
C09 1QK C . 17.47 4.97 -8.22
C11 1QK C . 17.99 2.74 -7.24
C14 1QK C . 16.30 1.86 -4.47
C16 1QK C . 14.08 0.92 -5.25
N18 1QK C . 14.42 1.64 -2.81
C19 1QK C . 15.79 2.02 -3.12
O20 1QK C . 13.99 1.78 -1.65
N21 1QK C . 17.05 6.35 -8.14
C23 1QK C . 15.53 7.99 -6.92
C25 1QK C . 15.82 8.05 -9.36
C27 1QK C . 18.52 7.96 -9.12
O29 1QK C . 19.38 6.38 -10.80
CL CL D . 10.04 5.45 6.84
C10 1QK E . -0.58 5.21 18.59
N12 1QK E . -1.20 7.46 17.66
C13 1QK E . -0.02 7.48 16.85
C15 1QK E . -1.49 6.39 15.02
C17 1QK E . -0.58 6.00 12.68
C22 1QK E . 1.27 2.92 19.08
C24 1QK E . 1.46 0.48 19.55
C26 1QK E . -0.23 1.86 20.66
C28 1QK E . -0.66 3.46 22.72
C01 1QK E . -6.26 3.45 20.68
C02 1QK E . -5.21 4.32 21.34
C03 1QK E . -4.47 5.32 20.44
C04 1QK E . -4.94 6.55 19.97
N05 1QK E . -3.96 7.12 19.18
N06 1QK E . -2.85 6.24 19.14
C07 1QK E . -3.17 5.15 19.90
N08 1QK E . -2.21 4.03 20.04
C09 1QK E . -0.94 4.07 19.41
C11 1QK E . -1.52 6.30 18.45
C14 1QK E . -0.19 6.95 15.41
C16 1QK E . -1.69 5.91 13.64
N18 1QK E . 0.71 6.57 13.10
C19 1QK E . 0.91 7.04 14.46
O20 1QK E . 1.68 6.64 12.30
N21 1QK E . -0.08 2.91 19.64
C23 1QK E . 1.72 1.58 18.59
C25 1QK E . 0.09 0.51 20.08
C27 1QK E . 0.21 2.45 21.98
O29 1QK E . -2.03 3.16 22.70
#